data_6PL9
#
_entry.id   6PL9
#
_cell.length_a   80.425
_cell.length_b   80.425
_cell.length_c   37.794
_cell.angle_alpha   90.000
_cell.angle_beta   90.000
_cell.angle_gamma   90.000
#
_symmetry.space_group_name_H-M   'P 43 21 2'
#
loop_
_entity.id
_entity.type
_entity.pdbx_description
1 polymer Lysozyme
2 non-polymer dichloro[(1,2,3,4,5-eta)-pentamethylcyclopentadienyl]rhodium
3 non-polymer 2-(1-chloranyl-2,3,4,5,6-pentamethyl-1$l^{7}-rhodapentacyclo[2.2.0.0^{1,3}.0^{1,5}.0^{2,6}]hexan-1-yl)-1,3-dimethyl-benzimidazole
4 non-polymer 'SODIUM ION'
5 water water
#
_entity_poly.entity_id   1
_entity_poly.type   'polypeptide(L)'
_entity_poly.pdbx_seq_one_letter_code
;KVFGRCELAAAMKRHGLDNYRGYSLGNWVCAAKFESNFNTQATNRNTDGSTDYGILQINSRWWCNDGRTPGSRNLCNIPC
SALLSSDITASVNCAKKIVSDGNGMNAWVAWRNRCKGTDVQAWIRGCRL
;
_entity_poly.pdbx_strand_id   A
#
loop_
_chem_comp.id
_chem_comp.type
_chem_comp.name
_chem_comp.formula
NA non-polymer 'SODIUM ION' 'Na 1'
ORS non-polymer dichloro[(1,2,3,4,5-eta)-pentamethylcyclopentadienyl]rhodium 'C10 H15 Cl2 Rh'
R1N non-polymer 2-(1-chloranyl-2,3,4,5,6-pentamethyl-1$l^{7}-rhodapentacyclo[2.2.0.0^{1,3}.0^{1,5}.0^{2,6}]hexan-1-yl)-1,3-dimethyl-benzimidazole 'C19 H25 Cl N2 Rh'
#
# COMPACT_ATOMS: atom_id res chain seq x y z
N LYS A 1 -1.89 -11.54 7.97
CA LYS A 1 -1.77 -12.56 6.89
C LYS A 1 -0.55 -12.23 6.03
N VAL A 2 0.25 -13.24 5.70
CA VAL A 2 1.39 -13.11 4.76
C VAL A 2 0.96 -13.71 3.43
N PHE A 3 0.73 -12.84 2.43
CA PHE A 3 0.28 -13.27 1.08
C PHE A 3 1.45 -13.89 0.32
N GLY A 4 1.14 -14.84 -0.55
CA GLY A 4 1.99 -15.21 -1.69
C GLY A 4 1.91 -14.14 -2.77
N ARG A 5 2.92 -14.08 -3.64
CA ARG A 5 3.01 -13.08 -4.73
C ARG A 5 1.79 -13.17 -5.64
N CYS A 6 1.52 -14.34 -6.22
CA CYS A 6 0.38 -14.53 -7.16
C CYS A 6 -0.94 -14.41 -6.40
N GLU A 7 -0.99 -14.86 -5.15
CA GLU A 7 -2.20 -14.73 -4.30
C GLU A 7 -2.55 -13.24 -4.16
N LEU A 8 -1.56 -12.40 -3.87
CA LEU A 8 -1.83 -10.95 -3.68
C LEU A 8 -2.16 -10.32 -5.04
N ALA A 9 -1.48 -10.70 -6.12
CA ALA A 9 -1.80 -10.19 -7.47
C ALA A 9 -3.29 -10.43 -7.76
N ALA A 10 -3.78 -11.64 -7.50
CA ALA A 10 -5.18 -12.02 -7.77
C ALA A 10 -6.11 -11.16 -6.89
N ALA A 11 -5.78 -11.01 -5.61
CA ALA A 11 -6.61 -10.25 -4.65
C ALA A 11 -6.63 -8.78 -5.07
N MET A 12 -5.47 -8.20 -5.38
CA MET A 12 -5.40 -6.77 -5.79
C MET A 12 -6.17 -6.56 -7.09
N LYS A 13 -6.13 -7.51 -8.03
CA LYS A 13 -6.90 -7.43 -9.29
C LYS A 13 -8.40 -7.47 -8.96
N ARG A 14 -8.82 -8.39 -8.10
CA ARG A 14 -10.24 -8.54 -7.69
C ARG A 14 -10.70 -7.24 -7.01
N HIS A 15 -9.82 -6.57 -6.27
CA HIS A 15 -10.15 -5.32 -5.51
C HIS A 15 -9.91 -4.06 -6.36
N GLY A 16 -9.58 -4.21 -7.64
CA GLY A 16 -9.64 -3.13 -8.64
C GLY A 16 -8.39 -2.29 -8.75
N LEU A 17 -7.22 -2.83 -8.38
CA LEU A 17 -5.96 -2.05 -8.51
C LEU A 17 -5.31 -2.18 -9.88
N ASP A 18 -5.64 -3.19 -10.70
CA ASP A 18 -4.95 -3.34 -12.01
C ASP A 18 -5.27 -2.11 -12.87
N ASN A 19 -4.23 -1.34 -13.21
CA ASN A 19 -4.30 -0.14 -14.09
C ASN A 19 -5.04 0.99 -13.35
N TYR A 20 -5.17 0.92 -12.03
CA TYR A 20 -5.80 2.02 -11.26
C TYR A 20 -4.89 3.25 -11.37
N ARG A 21 -5.51 4.33 -11.78
CA ARG A 21 -4.73 5.56 -12.10
CA ARG A 21 -4.67 5.57 -12.15
C ARG A 21 -3.50 5.36 -13.08
N GLY A 22 -3.66 4.30 -13.90
CA GLY A 22 -2.66 3.95 -14.93
C GLY A 22 -1.50 3.12 -14.41
N TYR A 23 -1.57 2.63 -13.18
CA TYR A 23 -0.49 1.81 -12.59
C TYR A 23 -0.85 0.33 -12.72
N SER A 24 -0.09 -0.38 -13.57
CA SER A 24 -0.29 -1.82 -13.84
C SER A 24 -0.16 -2.60 -12.54
N LEU A 25 -0.78 -3.78 -12.49
CA LEU A 25 -0.86 -4.64 -11.29
C LEU A 25 0.53 -4.89 -10.72
N GLY A 26 1.53 -5.14 -11.57
CA GLY A 26 2.91 -5.40 -11.11
C GLY A 26 3.46 -4.28 -10.21
N ASN A 27 3.09 -3.03 -10.48
CA ASN A 27 3.51 -1.88 -9.64
C ASN A 27 3.02 -2.07 -8.21
N TRP A 28 1.77 -2.48 -8.04
CA TRP A 28 1.13 -2.63 -6.72
C TRP A 28 1.73 -3.84 -5.99
N VAL A 29 1.99 -4.93 -6.69
CA VAL A 29 2.56 -6.16 -6.06
C VAL A 29 4.00 -5.85 -5.65
N CYS A 30 4.76 -5.20 -6.51
CA CYS A 30 6.15 -4.79 -6.21
C CYS A 30 6.17 -3.85 -5.00
N ALA A 31 5.27 -2.87 -4.95
CA ALA A 31 5.18 -1.94 -3.82
C ALA A 31 4.92 -2.71 -2.54
N ALA A 32 3.96 -3.64 -2.54
CA ALA A 32 3.63 -4.42 -1.31
C ALA A 32 4.83 -5.28 -0.92
N LYS A 33 5.52 -5.88 -1.87
CA LYS A 33 6.66 -6.75 -1.55
C LYS A 33 7.71 -5.94 -0.77
N PHE A 34 8.03 -4.74 -1.23
CA PHE A 34 9.14 -3.99 -0.62
C PHE A 34 8.67 -3.10 0.53
N GLU A 35 7.38 -2.76 0.61
CA GLU A 35 6.85 -2.03 1.79
C GLU A 35 6.73 -2.98 2.99
N SER A 36 6.19 -4.19 2.80
CA SER A 36 5.72 -5.04 3.93
C SER A 36 6.16 -6.49 3.83
N ASN A 37 6.87 -6.89 2.79
CA ASN A 37 7.15 -8.32 2.48
C ASN A 37 5.83 -9.11 2.49
N PHE A 38 4.76 -8.47 1.98
CA PHE A 38 3.42 -9.07 1.77
C PHE A 38 2.73 -9.40 3.09
N ASN A 39 3.14 -8.77 4.19
CA ASN A 39 2.57 -9.01 5.54
C ASN A 39 1.54 -7.91 5.85
N THR A 40 0.26 -8.28 5.92
CA THR A 40 -0.79 -7.27 6.23
C THR A 40 -0.61 -6.67 7.64
N GLN A 41 0.13 -7.36 8.53
CA GLN A 41 0.26 -6.89 9.93
C GLN A 41 1.53 -6.07 10.14
N ALA A 42 2.28 -5.79 9.08
CA ALA A 42 3.52 -4.98 9.17
C ALA A 42 3.19 -3.60 9.76
N THR A 43 4.02 -3.13 10.68
CA THR A 43 3.99 -1.76 11.20
C THR A 43 5.42 -1.22 11.29
N ASN A 44 5.52 0.08 11.13
CA ASN A 44 6.84 0.76 11.24
C ASN A 44 6.61 2.14 11.86
N ARG A 45 7.24 2.36 13.01
CA ARG A 45 7.20 3.65 13.74
CA ARG A 45 7.15 3.69 13.67
C ARG A 45 8.24 4.59 13.09
N ASN A 46 7.79 5.73 12.62
CA ASN A 46 8.69 6.71 11.98
C ASN A 46 9.28 7.67 13.01
N THR A 47 10.35 8.38 12.61
CA THR A 47 11.10 9.38 13.43
C THR A 47 10.13 10.41 14.01
N ASP A 48 9.14 10.83 13.22
CA ASP A 48 8.23 11.96 13.53
C ASP A 48 7.08 11.51 14.46
N GLY A 49 7.01 10.23 14.82
CA GLY A 49 6.03 9.68 15.78
C GLY A 49 4.82 9.09 15.08
N SER A 50 4.69 9.35 13.78
CA SER A 50 3.67 8.67 12.92
C SER A 50 4.08 7.21 12.77
N THR A 51 3.15 6.39 12.30
CA THR A 51 3.36 4.95 12.09
C THR A 51 2.83 4.58 10.69
N ASP A 52 3.52 3.66 10.04
CA ASP A 52 3.10 3.06 8.75
C ASP A 52 2.42 1.72 9.05
N TYR A 53 1.30 1.46 8.40
CA TYR A 53 0.45 0.29 8.69
C TYR A 53 0.16 -0.53 7.43
N GLY A 54 0.35 -1.84 7.55
CA GLY A 54 -0.24 -2.80 6.62
C GLY A 54 0.62 -3.10 5.41
N ILE A 55 0.02 -3.81 4.47
CA ILE A 55 0.73 -4.40 3.30
C ILE A 55 1.30 -3.27 2.43
N LEU A 56 0.73 -2.06 2.47
CA LEU A 56 1.28 -0.90 1.70
C LEU A 56 1.78 0.19 2.65
N GLN A 57 1.96 -0.11 3.94
CA GLN A 57 2.67 0.81 4.88
C GLN A 57 2.12 2.22 4.74
N ILE A 58 0.82 2.36 4.96
CA ILE A 58 0.11 3.67 4.87
C ILE A 58 0.26 4.39 6.22
N ASN A 59 0.55 5.69 6.14
CA ASN A 59 1.08 6.50 7.26
C ASN A 59 -0.06 7.24 8.00
N SER A 60 0.05 7.27 9.32
CA SER A 60 -0.93 7.94 10.22
C SER A 60 -0.82 9.47 10.19
N ARG A 61 0.22 10.07 9.60
CA ARG A 61 0.29 11.56 9.56
C ARG A 61 -0.85 12.09 8.68
N TRP A 62 -1.24 11.37 7.63
CA TRP A 62 -2.22 11.86 6.64
C TRP A 62 -3.46 10.99 6.54
N TRP A 63 -3.28 9.69 6.62
CA TRP A 63 -4.31 8.80 6.00
C TRP A 63 -5.24 8.05 6.95
N CYS A 64 -4.81 7.81 8.18
CA CYS A 64 -5.62 7.03 9.15
C CYS A 64 -5.40 7.60 10.56
N ASN A 65 -6.31 7.25 11.46
CA ASN A 65 -6.25 7.67 12.88
C ASN A 65 -5.73 6.50 13.72
N ASP A 66 -4.64 6.72 14.45
CA ASP A 66 -4.13 5.71 15.43
C ASP A 66 -4.17 6.27 16.86
N GLY A 67 -4.69 7.49 17.05
CA GLY A 67 -4.83 8.12 18.37
C GLY A 67 -3.52 8.55 19.01
N ARG A 68 -2.38 8.39 18.33
CA ARG A 68 -1.05 8.73 18.91
CA ARG A 68 -1.06 8.76 18.92
C ARG A 68 -0.20 9.52 17.91
N THR A 69 -0.81 10.14 16.91
CA THR A 69 -0.11 11.03 15.95
C THR A 69 -0.75 12.40 16.03
N PRO A 70 -0.39 13.23 17.04
CA PRO A 70 -1.10 14.49 17.25
C PRO A 70 -0.95 15.46 16.06
N GLY A 71 -2.03 16.21 15.80
CA GLY A 71 -2.09 17.24 14.73
C GLY A 71 -2.12 16.62 13.35
N SER A 72 -2.42 15.34 13.23
CA SER A 72 -2.40 14.58 11.95
C SER A 72 -3.78 14.61 11.32
N ARG A 73 -3.90 14.06 10.11
CA ARG A 73 -5.18 13.95 9.39
C ARG A 73 -5.55 12.47 9.26
N ASN A 74 -6.78 12.23 8.82
CA ASN A 74 -7.36 10.88 8.65
C ASN A 74 -8.13 10.90 7.33
N LEU A 75 -7.40 11.06 6.22
CA LEU A 75 -8.02 11.34 4.90
C LEU A 75 -8.75 10.09 4.37
N CYS A 76 -8.39 8.89 4.82
CA CYS A 76 -9.10 7.63 4.44
C CYS A 76 -10.27 7.34 5.39
N ASN A 77 -10.43 8.16 6.44
CA ASN A 77 -11.57 8.09 7.39
C ASN A 77 -11.63 6.67 7.97
N ILE A 78 -10.50 6.17 8.47
CA ILE A 78 -10.41 4.81 9.05
C ILE A 78 -9.50 4.84 10.27
N PRO A 79 -9.70 3.91 11.22
CA PRO A 79 -8.66 3.63 12.20
C PRO A 79 -7.52 2.93 11.46
N CYS A 80 -6.29 3.26 11.82
CA CYS A 80 -5.11 2.62 11.19
C CYS A 80 -5.16 1.10 11.37
N SER A 81 -5.76 0.60 12.43
CA SER A 81 -5.89 -0.87 12.68
C SER A 81 -6.58 -1.56 11.50
N ALA A 82 -7.49 -0.88 10.79
CA ALA A 82 -8.23 -1.44 9.63
C ALA A 82 -7.22 -1.86 8.54
N LEU A 83 -6.06 -1.21 8.48
CA LEU A 83 -5.01 -1.47 7.46
C LEU A 83 -4.23 -2.75 7.80
N LEU A 84 -4.51 -3.40 8.95
CA LEU A 84 -3.74 -4.62 9.31
C LEU A 84 -4.52 -5.92 9.09
N SER A 85 -5.76 -5.79 8.63
CA SER A 85 -6.68 -6.93 8.42
C SER A 85 -6.13 -7.89 7.36
N SER A 86 -6.49 -9.17 7.46
CA SER A 86 -6.25 -10.18 6.39
C SER A 86 -7.06 -9.77 5.15
N ASP A 87 -8.17 -9.07 5.37
CA ASP A 87 -9.04 -8.46 4.32
C ASP A 87 -8.38 -7.16 3.84
N ILE A 88 -7.89 -7.12 2.59
CA ILE A 88 -7.10 -5.97 2.08
C ILE A 88 -8.00 -4.80 1.65
N THR A 89 -9.32 -4.89 1.83
CA THR A 89 -10.26 -3.83 1.37
C THR A 89 -9.82 -2.44 1.85
N ALA A 90 -9.58 -2.25 3.16
CA ALA A 90 -9.29 -0.91 3.71
C ALA A 90 -7.97 -0.40 3.13
N SER A 91 -6.95 -1.25 3.04
CA SER A 91 -5.64 -0.88 2.45
C SER A 91 -5.80 -0.50 0.98
N VAL A 92 -6.52 -1.31 0.21
CA VAL A 92 -6.73 -1.03 -1.23
C VAL A 92 -7.50 0.28 -1.39
N ASN A 93 -8.60 0.46 -0.68
CA ASN A 93 -9.46 1.66 -0.85
C ASN A 93 -8.67 2.90 -0.46
N CYS A 94 -7.85 2.81 0.58
CA CYS A 94 -7.03 3.95 1.02
C CYS A 94 -5.91 4.21 -0.01
N ALA A 95 -5.27 3.17 -0.51
CA ALA A 95 -4.22 3.29 -1.55
C ALA A 95 -4.80 3.99 -2.79
N LYS A 96 -6.05 3.72 -3.12
CA LYS A 96 -6.71 4.38 -4.29
C LYS A 96 -6.79 5.89 -4.06
N LYS A 97 -7.11 6.34 -2.84
CA LYS A 97 -7.15 7.79 -2.51
C LYS A 97 -5.72 8.35 -2.60
N ILE A 98 -4.76 7.65 -2.01
CA ILE A 98 -3.34 8.14 -1.99
C ILE A 98 -2.84 8.36 -3.43
N VAL A 99 -3.02 7.35 -4.27
CA VAL A 99 -2.41 7.38 -5.62
C VAL A 99 -3.12 8.42 -6.50
N SER A 100 -4.32 8.85 -6.11
CA SER A 100 -5.12 9.90 -6.82
C SER A 100 -4.64 11.30 -6.46
N ASP A 101 -3.80 11.46 -5.42
CA ASP A 101 -3.25 12.80 -5.07
CA ASP A 101 -3.15 12.72 -4.98
C ASP A 101 -2.06 13.07 -6.00
N GLY A 102 -1.52 14.29 -5.95
CA GLY A 102 -0.57 14.86 -6.93
C GLY A 102 0.55 13.92 -7.39
N ASN A 103 1.16 13.14 -6.50
CA ASN A 103 2.46 12.47 -6.78
C ASN A 103 2.27 10.99 -7.15
N GLY A 104 1.05 10.48 -7.25
CA GLY A 104 0.84 9.09 -7.69
C GLY A 104 1.58 8.11 -6.79
N MET A 105 2.21 7.09 -7.36
CA MET A 105 2.84 6.03 -6.53
C MET A 105 4.17 6.50 -5.93
N ASN A 106 4.64 7.70 -6.25
CA ASN A 106 5.85 8.27 -5.61
C ASN A 106 5.61 8.46 -4.11
N ALA A 107 4.36 8.46 -3.65
CA ALA A 107 4.04 8.52 -2.20
C ALA A 107 4.68 7.33 -1.47
N TRP A 108 4.87 6.20 -2.14
CA TRP A 108 5.49 4.97 -1.55
C TRP A 108 6.98 5.00 -1.84
N VAL A 109 7.77 5.21 -0.80
CA VAL A 109 9.26 5.27 -0.90
CA VAL A 109 9.26 5.28 -0.89
C VAL A 109 9.79 3.97 -1.50
N ALA A 110 9.29 2.82 -1.06
CA ALA A 110 9.79 1.52 -1.54
C ALA A 110 9.47 1.39 -3.04
N TRP A 111 8.31 1.89 -3.48
CA TRP A 111 7.98 1.86 -4.93
C TRP A 111 8.98 2.73 -5.70
N ARG A 112 9.19 3.96 -5.25
CA ARG A 112 10.08 4.92 -5.95
C ARG A 112 11.47 4.29 -6.05
N ASN A 113 11.95 3.67 -4.98
CA ASN A 113 13.37 3.26 -4.90
C ASN A 113 13.59 1.83 -5.42
N ARG A 114 12.56 0.98 -5.53
CA ARG A 114 12.79 -0.45 -5.83
C ARG A 114 11.88 -0.97 -6.94
N CYS A 115 10.92 -0.19 -7.41
CA CYS A 115 9.95 -0.65 -8.43
C CYS A 115 9.94 0.27 -9.64
N LYS A 116 9.85 1.58 -9.40
CA LYS A 116 9.78 2.59 -10.48
C LYS A 116 10.95 2.41 -11.45
N GLY A 117 10.66 2.33 -12.74
CA GLY A 117 11.69 2.24 -13.79
C GLY A 117 12.25 0.83 -13.93
N THR A 118 11.64 -0.17 -13.27
CA THR A 118 12.05 -1.59 -13.36
C THR A 118 10.97 -2.38 -14.13
N ASP A 119 11.29 -3.63 -14.44
CA ASP A 119 10.36 -4.60 -15.07
C ASP A 119 9.35 -5.06 -14.00
N VAL A 120 8.37 -4.20 -13.66
CA VAL A 120 7.42 -4.48 -12.54
C VAL A 120 6.49 -5.64 -12.93
N GLN A 121 6.25 -5.86 -14.22
CA GLN A 121 5.32 -6.94 -14.66
CA GLN A 121 5.36 -6.95 -14.72
C GLN A 121 5.91 -8.31 -14.26
N ALA A 122 7.22 -8.41 -14.01
CA ALA A 122 7.87 -9.63 -13.49
C ALA A 122 7.15 -10.11 -12.21
N TRP A 123 6.63 -9.16 -11.43
CA TRP A 123 5.94 -9.49 -10.15
C TRP A 123 4.63 -10.25 -10.36
N ILE A 124 4.01 -10.17 -11.53
CA ILE A 124 2.73 -10.89 -11.78
C ILE A 124 2.94 -12.00 -12.82
N ARG A 125 4.18 -12.22 -13.28
CA ARG A 125 4.42 -13.16 -14.41
C ARG A 125 4.29 -14.60 -13.89
N GLY A 126 3.59 -15.43 -14.67
CA GLY A 126 3.27 -16.83 -14.34
C GLY A 126 1.93 -16.95 -13.63
N CYS A 127 1.46 -15.88 -12.98
CA CYS A 127 0.23 -15.89 -12.14
C CYS A 127 -1.01 -16.05 -13.02
N ARG A 128 -1.97 -16.84 -12.54
CA ARG A 128 -3.30 -17.02 -13.19
C ARG A 128 -4.15 -15.83 -12.73
N LEU A 129 -4.51 -14.95 -13.66
CA LEU A 129 -5.24 -13.69 -13.34
C LEU A 129 -6.42 -13.50 -14.31
C10 ORS B . -13.09 -10.03 -1.34
C11 ORS B . -13.87 -9.18 -2.31
C12 ORS B . -12.77 -9.72 0.00
C13 ORS B . -13.28 -8.51 0.71
C14 ORS B . -12.07 -10.86 0.57
C15 ORS B . -11.58 -10.93 1.99
C16 ORS B . -11.94 -11.83 -0.42
C17 ORS B . -11.20 -13.13 -0.25
C18 ORS B . -12.55 -11.34 -1.63
C19 ORS B . -12.77 -12.21 -2.83
CL1 ORS B . -9.38 -11.33 -2.45
CL2 ORS B . -9.25 -9.35 0.44
RH ORS B . -10.96 -10.01 -1.16
C1 R1N C . 1.29 14.83 -0.86
C2 R1N C . 0.68 12.45 -0.25
C3 R1N C . 2.73 16.83 -1.44
C4 R1N C . 3.54 14.54 -0.97
C5 R1N C . 2.97 13.31 -0.61
C6 R1N C . 3.75 12.17 -0.42
C7 R1N C . 5.12 12.33 -0.56
C8 R1N C . 5.68 13.57 -0.90
C9 R1N C . 4.91 14.71 -1.12
C10 R1N C . -0.47 16.24 1.14
C11 R1N C . 0.77 16.22 1.98
C12 R1N C . -1.47 15.22 1.08
C13 R1N C . -1.49 13.96 1.89
C14 R1N C . -2.54 15.67 0.21
C15 R1N C . -3.78 14.91 -0.13
C16 R1N C . -2.21 16.97 -0.16
C17 R1N C . -3.22 17.82 -0.83
C18 R1N C . -0.90 17.33 0.31
C19 R1N C . -0.25 18.68 0.17
N1 R1N C . 1.61 13.53 -0.56
N2 R1N C . 2.49 15.44 -1.09
CL1 R1N C . -0.37 16.55 -3.08
RH R1N C . -0.62 15.56 -0.89
NA NA D . -3.83 10.51 11.55
#